data_6URH
#
_entry.id   6URH
#
_cell.length_a   64.730
_cell.length_b   69.231
_cell.length_c   176.699
_cell.angle_alpha   90.000
_cell.angle_beta   90.000
_cell.angle_gamma   90.000
#
_symmetry.space_group_name_H-M   'P 21 21 21'
#
loop_
_entity.id
_entity.type
_entity.pdbx_description
1 polymer 'HCV envelope glycoprotein E2'
2 polymer 'AR3X Heavy Chain'
3 polymer 'AR3X Light Chain'
4 branched 2-acetamido-2-deoxy-beta-D-glucopyranose-(1-4)-2-acetamido-2-deoxy-beta-D-glucopyranose
5 branched alpha-D-mannopyranose-(1-6)-beta-D-mannopyranose-(1-3)-2-acetamido-2-deoxy-beta-D-glucopyranose-(1-4)-2-acetamido-2-deoxy-beta-D-glucopyranose
6 branched alpha-D-mannopyranose-(1-6)-beta-D-mannopyranose-(1-4)-2-acetamido-2-deoxy-beta-D-glucopyranose-(1-4)-2-acetamido-2-deoxy-beta-D-glucopyranose
7 branched alpha-D-mannopyranose-(1-3)-[alpha-D-mannopyranose-(1-6)]alpha-D-mannopyranose-(1-6)-[alpha-D-mannopyranose-(1-3)]beta-D-mannopyranose-(1-4)-2-acetamido-2-deoxy-beta-D-glucopyranose-(1-4)-2-acetamido-2-deoxy-beta-D-glucopyranose
8 non-polymer 2-acetamido-2-deoxy-beta-D-glucopyranose
9 water water
#
loop_
_entity_poly.entity_id
_entity_poly.type
_entity_poly.pdbx_seq_one_letter_code
_entity_poly.pdbx_strand_id
1 'polypeptide(L)'
;STHVTGGTASHTTRHFASLFSSGASQRVQLINTNGSWHINRTALNCNDSLHTGFLAALFYTHKFNASGCPERMAHCRPID
EFAQGWGPITYAEGHGSDQRPYCWHYAPRQCGTIPASQVCGPVYCFTPSPVVVGTTDRFGAPTYTWGENETDVLILNNTR
PPQGNWFGCTWMNSTGFTKTCGGPPCNIGGVGNNTLTCPTDCFRKHPEATYTKCGSGPWLTPRCLVDYPYRLWHYPCTVN
FTIFKVRMYVGGVEHRLNAACNIG
;
C
2 'polypeptide(L)'
;QVQLEQSGAEVKKPGSSVKVSCKASGGTFSSFVINWVRQAPGQGLEWVGGIFQAPGPEREWLRDINPISGTINYAQRFQG
RVTMTADESMTTVYMELSSLRSEDTAMYYCARENKFRYCRGGSCYSGAFDMWGQGTMVTVSSASTKGPSVFPLAPSSKST
SGGTAALGCLVKDYFPEPVTVSWNSGALTSGVHTFPAVLQSSGLYSLSSVVTVPSSSLGTQTYICNVNHKPSNTKVDKRV
EPKSCDKTHHHHHH
;
H
3 'polypeptide(L)'
;EIELTQSPATLSVSPGESATLSCRASQSVSDNLAWYQQKPGQAPRLLIYGASSRAPAIPGRFSGSGSGTDFTLTISRLEP
EDLAVYHCQQYGASPWTFGQGTKVEIKRTVAAPSVFIFPPSDEQLKSGTASVVCLLNNFYPREAKVQWKVDNALQSGNSQ
ESVTEQDSKDSTYSLSSTLTLSKADYEKHKVYACEVTHQGLSSPVTKSFNRGEC
;
L
#
# COMPACT_ATOMS: atom_id res chain seq x y z
N TRP A 37 -3.68 -44.86 -3.06
CA TRP A 37 -3.44 -43.55 -2.46
C TRP A 37 -2.79 -42.59 -3.47
N HIS A 38 -3.23 -41.33 -3.45
CA HIS A 38 -2.75 -40.32 -4.40
C HIS A 38 -2.91 -38.94 -3.77
N ILE A 39 -1.96 -38.05 -4.11
CA ILE A 39 -1.96 -36.67 -3.65
C ILE A 39 -3.34 -36.03 -3.85
N ASN A 40 -3.98 -36.33 -4.99
CA ASN A 40 -5.26 -35.76 -5.39
C ASN A 40 -6.42 -36.19 -4.51
N ARG A 41 -6.23 -37.19 -3.65
CA ARG A 41 -7.28 -37.60 -2.72
C ARG A 41 -7.29 -36.75 -1.47
N THR A 42 -6.39 -35.76 -1.35
CA THR A 42 -6.42 -34.79 -0.27
C THR A 42 -7.43 -33.70 -0.58
N ALA A 43 -8.41 -33.52 0.30
CA ALA A 43 -9.33 -32.41 0.14
C ALA A 43 -8.59 -31.10 0.41
N LEU A 44 -8.76 -30.12 -0.47
CA LEU A 44 -7.98 -28.88 -0.44
C LEU A 44 -8.87 -27.67 -0.58
N ASN A 45 -9.90 -27.60 0.28
CA ASN A 45 -10.83 -26.48 0.27
C ASN A 45 -10.45 -25.63 1.46
N CYS A 46 -9.52 -24.70 1.22
CA CYS A 46 -8.81 -23.99 2.27
C CYS A 46 -8.97 -22.49 2.09
N ASN A 47 -9.11 -21.77 3.19
CA ASN A 47 -9.55 -20.37 3.13
C ASN A 47 -9.02 -19.65 4.36
N ASP A 48 -7.92 -18.92 4.19
CA ASP A 48 -7.35 -18.17 5.29
C ASP A 48 -7.67 -16.68 5.12
N SER A 49 -8.94 -16.36 5.40
CA SER A 49 -9.43 -15.00 5.18
C SER A 49 -8.72 -14.00 6.08
N LEU A 50 -8.47 -14.38 7.34
CA LEU A 50 -7.90 -13.43 8.30
C LEU A 50 -6.39 -13.31 8.22
N HIS A 51 -5.74 -14.05 7.32
CA HIS A 51 -4.29 -14.00 7.14
C HIS A 51 -3.55 -14.53 8.36
N THR A 52 -4.10 -15.57 8.98
CA THR A 52 -3.49 -16.13 10.18
C THR A 52 -2.23 -16.93 9.87
N GLY A 53 -2.04 -17.35 8.63
CA GLY A 53 -0.91 -18.18 8.27
C GLY A 53 -1.10 -19.67 8.45
N PHE A 54 -2.28 -20.12 8.91
CA PHE A 54 -2.50 -21.55 9.11
C PHE A 54 -2.38 -22.33 7.81
N LEU A 55 -2.78 -21.73 6.69
CA LEU A 55 -2.75 -22.43 5.42
C LEU A 55 -1.32 -22.61 4.94
N ALA A 56 -0.44 -21.63 5.22
CA ALA A 56 0.98 -21.80 4.96
C ALA A 56 1.55 -22.97 5.76
N ALA A 57 1.12 -23.12 7.01
CA ALA A 57 1.59 -24.23 7.82
C ALA A 57 1.12 -25.60 7.33
N LEU A 58 0.29 -25.64 6.28
CA LEU A 58 0.01 -26.92 5.61
C LEU A 58 1.21 -27.38 4.79
N PHE A 59 1.91 -26.43 4.16
CA PHE A 59 3.00 -26.71 3.23
C PHE A 59 4.37 -26.69 3.89
N TYR A 60 4.49 -26.02 5.04
CA TYR A 60 5.72 -25.97 5.79
C TYR A 60 5.46 -26.43 7.22
N THR A 61 6.49 -26.99 7.84
CA THR A 61 6.41 -27.41 9.24
C THR A 61 6.73 -26.22 10.15
N HIS A 62 5.69 -25.67 10.80
CA HIS A 62 5.81 -24.44 11.56
C HIS A 62 5.69 -24.73 13.06
N LYS A 63 6.79 -24.54 13.79
CA LYS A 63 6.82 -24.71 15.23
C LYS A 63 6.41 -23.44 15.97
N PHE A 64 5.61 -23.60 17.02
CA PHE A 64 5.05 -22.50 17.80
C PHE A 64 5.98 -22.09 18.95
N ASN A 65 5.80 -20.86 19.41
CA ASN A 65 6.42 -20.33 20.62
C ASN A 65 5.38 -20.25 21.73
N ALA A 66 5.87 -20.12 22.98
CA ALA A 66 5.00 -20.19 24.16
C ALA A 66 3.80 -19.27 24.03
N SER A 67 4.00 -18.11 23.40
CA SER A 67 2.98 -17.07 23.36
C SER A 67 1.70 -17.57 22.71
N GLY A 68 1.81 -18.21 21.53
CA GLY A 68 0.63 -18.66 20.82
C GLY A 68 -0.21 -19.66 21.59
N CYS A 69 0.34 -20.25 22.66
CA CYS A 69 -0.33 -21.30 23.41
C CYS A 69 -0.40 -21.02 24.91
N PRO A 108 -18.26 -37.40 23.74
CA PRO A 108 -17.94 -36.62 22.55
C PRO A 108 -18.90 -36.89 21.38
N ARG A 109 -18.38 -36.97 20.16
CA ARG A 109 -19.16 -37.25 18.97
C ARG A 109 -18.65 -38.52 18.30
N GLN A 110 -19.47 -39.06 17.41
CA GLN A 110 -19.14 -40.26 16.65
C GLN A 110 -18.61 -39.89 15.26
N CYS A 111 -17.91 -40.84 14.64
CA CYS A 111 -17.20 -40.58 13.39
C CYS A 111 -18.01 -41.13 12.22
N GLY A 112 -18.63 -40.24 11.45
CA GLY A 112 -19.45 -40.62 10.32
C GLY A 112 -18.83 -40.31 8.97
N THR A 113 -19.52 -39.50 8.18
CA THR A 113 -19.08 -39.13 6.83
C THR A 113 -19.15 -37.62 6.71
N ILE A 114 -18.04 -36.99 6.34
CA ILE A 114 -17.97 -35.53 6.25
C ILE A 114 -17.84 -35.10 4.80
N PRO A 115 -18.48 -33.99 4.40
CA PRO A 115 -18.34 -33.51 3.01
C PRO A 115 -16.97 -32.90 2.79
N ALA A 116 -16.35 -33.24 1.64
CA ALA A 116 -15.00 -32.75 1.37
C ALA A 116 -14.94 -31.23 1.34
N SER A 117 -16.05 -30.57 1.00
CA SER A 117 -16.08 -29.11 0.94
C SER A 117 -15.73 -28.44 2.27
N GLN A 118 -15.98 -29.12 3.39
CA GLN A 118 -15.63 -28.57 4.70
C GLN A 118 -14.25 -28.98 5.19
N VAL A 119 -13.40 -29.54 4.32
CA VAL A 119 -12.14 -30.15 4.73
C VAL A 119 -10.98 -29.44 4.04
N CYS A 120 -9.94 -29.12 4.81
CA CYS A 120 -8.70 -28.57 4.28
C CYS A 120 -7.52 -29.43 4.74
N GLY A 121 -6.76 -29.95 3.79
CA GLY A 121 -5.60 -30.76 4.12
C GLY A 121 -5.98 -32.19 4.47
N PRO A 122 -4.98 -33.00 4.82
CA PRO A 122 -5.24 -34.43 4.99
C PRO A 122 -6.05 -34.75 6.24
N VAL A 123 -6.76 -35.86 6.17
CA VAL A 123 -7.65 -36.32 7.23
C VAL A 123 -7.04 -37.58 7.84
N TYR A 124 -6.82 -37.56 9.15
CA TYR A 124 -6.28 -38.71 9.86
C TYR A 124 -7.33 -39.32 10.80
N CYS A 125 -7.36 -40.64 10.84
CA CYS A 125 -8.15 -41.37 11.82
C CYS A 125 -7.20 -42.20 12.65
N PHE A 126 -7.69 -42.67 13.79
CA PHE A 126 -6.83 -43.31 14.79
C PHE A 126 -7.54 -44.53 15.33
N THR A 127 -6.96 -45.70 15.02
CA THR A 127 -7.34 -47.04 15.42
C THR A 127 -6.29 -47.44 16.43
N PRO A 128 -6.28 -46.82 17.58
CA PRO A 128 -5.07 -46.15 18.06
C PRO A 128 -4.18 -45.65 16.91
N SER A 129 -3.71 -46.58 16.08
CA SER A 129 -2.72 -46.28 15.06
C SER A 129 -3.28 -45.29 14.03
N PRO A 130 -2.43 -44.39 13.54
CA PRO A 130 -2.90 -43.36 12.60
C PRO A 130 -3.03 -43.89 11.18
N VAL A 131 -4.09 -43.46 10.50
CA VAL A 131 -4.37 -43.85 9.12
C VAL A 131 -5.01 -42.65 8.43
N VAL A 132 -4.68 -42.45 7.12
CA VAL A 132 -5.22 -41.30 6.39
C VAL A 132 -6.45 -41.74 5.60
N VAL A 133 -7.42 -40.84 5.48
CA VAL A 133 -8.65 -41.09 4.73
C VAL A 133 -8.63 -40.17 3.52
N GLY A 134 -8.72 -40.76 2.33
CA GLY A 134 -8.77 -39.97 1.12
C GLY A 134 -10.20 -39.73 0.67
N THR A 135 -10.38 -38.71 -0.17
CA THR A 135 -11.69 -38.41 -0.71
C THR A 135 -12.23 -39.57 -1.53
N THR A 136 -13.54 -39.74 -1.52
CA THR A 136 -14.25 -40.68 -2.39
C THR A 136 -15.56 -40.02 -2.84
N ASP A 137 -16.28 -40.69 -3.72
CA ASP A 137 -17.68 -40.32 -3.95
C ASP A 137 -18.56 -40.89 -2.83
N ARG A 138 -19.85 -40.60 -2.93
CA ARG A 138 -20.79 -40.93 -1.87
C ARG A 138 -20.89 -42.42 -1.60
N PHE A 139 -20.48 -43.27 -2.56
CA PHE A 139 -20.57 -44.71 -2.43
C PHE A 139 -19.20 -45.36 -2.24
N GLY A 140 -18.16 -44.56 -2.05
CA GLY A 140 -16.87 -45.07 -1.62
C GLY A 140 -15.85 -45.29 -2.70
N ALA A 141 -16.15 -44.98 -3.95
CA ALA A 141 -15.09 -45.11 -4.93
C ALA A 141 -14.16 -43.90 -4.87
N PRO A 142 -12.84 -44.11 -4.91
CA PRO A 142 -11.91 -42.99 -4.73
C PRO A 142 -12.07 -41.94 -5.81
N THR A 143 -11.93 -40.69 -5.39
CA THR A 143 -11.97 -39.55 -6.31
C THR A 143 -10.67 -38.77 -6.17
N TYR A 144 -10.27 -38.11 -7.25
CA TYR A 144 -8.93 -37.52 -7.39
C TYR A 144 -9.04 -36.05 -7.79
N THR A 145 -10.01 -35.35 -7.23
CA THR A 145 -10.29 -33.97 -7.62
C THR A 145 -10.09 -33.00 -6.45
N TRP A 146 -9.19 -33.35 -5.53
CA TRP A 146 -8.83 -32.51 -4.38
C TRP A 146 -10.04 -32.14 -3.54
N GLY A 147 -11.12 -32.93 -3.60
CA GLY A 147 -12.33 -32.62 -2.87
C GLY A 147 -13.09 -31.42 -3.38
N GLU A 148 -12.84 -30.99 -4.63
CA GLU A 148 -13.57 -29.86 -5.17
C GLU A 148 -14.99 -30.22 -5.59
N ASN A 149 -15.24 -31.50 -5.84
CA ASN A 149 -16.54 -31.95 -6.32
C ASN A 149 -17.55 -31.93 -5.18
N GLU A 150 -18.71 -31.34 -5.44
CA GLU A 150 -19.76 -31.26 -4.44
C GLU A 150 -20.11 -32.62 -3.85
N THR A 151 -20.01 -33.69 -4.65
CA THR A 151 -20.32 -35.03 -4.18
C THR A 151 -19.15 -35.71 -3.48
N ASP A 152 -18.02 -35.03 -3.31
CA ASP A 152 -16.84 -35.64 -2.68
C ASP A 152 -17.00 -35.67 -1.17
N VAL A 153 -16.69 -36.82 -0.57
CA VAL A 153 -16.84 -37.00 0.86
C VAL A 153 -15.62 -37.74 1.40
N LEU A 154 -15.44 -37.65 2.72
CA LEU A 154 -14.49 -38.49 3.44
C LEU A 154 -15.31 -39.40 4.34
N ILE A 155 -15.35 -40.70 3.99
CA ILE A 155 -16.15 -41.67 4.72
C ILE A 155 -15.25 -42.20 5.82
N LEU A 156 -15.31 -41.54 6.99
CA LEU A 156 -14.40 -41.87 8.08
C LEU A 156 -14.57 -43.30 8.54
N ASN A 157 -15.82 -43.79 8.64
CA ASN A 157 -16.11 -45.09 9.23
C ASN A 157 -15.58 -46.27 8.41
N ASN A 158 -15.18 -46.06 7.15
CA ASN A 158 -14.63 -47.16 6.36
C ASN A 158 -13.18 -47.48 6.69
N THR A 159 -12.52 -46.70 7.56
CA THR A 159 -11.24 -47.08 8.13
C THR A 159 -11.38 -47.59 9.57
N ARG A 160 -12.60 -47.65 10.08
CA ARG A 160 -12.86 -48.25 11.38
C ARG A 160 -12.59 -49.74 11.30
N PRO A 161 -11.62 -50.28 12.03
CA PRO A 161 -11.39 -51.74 12.03
C PRO A 161 -12.59 -52.48 12.57
N PRO A 162 -13.01 -53.57 11.92
CA PRO A 162 -14.24 -54.27 12.33
C PRO A 162 -14.34 -54.64 13.81
N GLN A 163 -13.23 -54.87 14.51
CA GLN A 163 -13.29 -55.09 15.95
C GLN A 163 -12.30 -54.19 16.66
N GLY A 164 -12.58 -53.94 17.93
CA GLY A 164 -11.91 -52.94 18.75
C GLY A 164 -12.86 -51.77 18.94
N ASN A 165 -12.85 -51.20 20.14
CA ASN A 165 -13.74 -50.10 20.49
C ASN A 165 -13.04 -48.74 20.45
N TRP A 166 -11.94 -48.61 19.72
CA TRP A 166 -11.19 -47.37 19.66
C TRP A 166 -11.14 -46.85 18.22
N PHE A 167 -11.66 -45.64 18.02
CA PHE A 167 -11.65 -44.99 16.73
C PHE A 167 -11.95 -43.50 16.91
N GLY A 168 -11.01 -42.66 16.49
CA GLY A 168 -11.27 -41.23 16.42
C GLY A 168 -10.60 -40.67 15.18
N CYS A 169 -11.04 -39.47 14.79
CA CYS A 169 -10.48 -38.81 13.62
C CYS A 169 -10.28 -37.33 13.92
N THR A 170 -9.48 -36.68 13.08
CA THR A 170 -9.23 -35.25 13.21
C THR A 170 -8.87 -34.70 11.84
N TRP A 171 -9.17 -33.42 11.65
CA TRP A 171 -8.93 -32.75 10.38
C TRP A 171 -9.11 -31.25 10.61
N MET A 172 -8.78 -30.48 9.58
CA MET A 172 -8.92 -29.03 9.60
C MET A 172 -10.14 -28.65 8.76
N ASN A 173 -11.00 -27.80 9.30
CA ASN A 173 -12.08 -27.32 8.44
C ASN A 173 -11.55 -26.16 7.58
N SER A 174 -12.41 -25.63 6.71
CA SER A 174 -11.94 -24.78 5.62
C SER A 174 -11.21 -23.54 6.13
N THR A 175 -11.61 -23.01 7.28
CA THR A 175 -11.05 -21.76 7.79
C THR A 175 -10.09 -21.97 8.95
N GLY A 176 -9.49 -23.16 9.06
CA GLY A 176 -8.38 -23.36 9.97
C GLY A 176 -8.72 -23.72 11.40
N PHE A 177 -9.87 -24.33 11.64
CA PHE A 177 -10.25 -24.78 12.98
C PHE A 177 -10.18 -26.30 13.04
N THR A 178 -9.47 -26.81 14.04
CA THR A 178 -9.30 -28.25 14.20
C THR A 178 -10.61 -28.88 14.64
N LYS A 179 -11.02 -29.89 13.89
CA LYS A 179 -12.25 -30.63 14.15
C LYS A 179 -11.92 -32.05 14.59
N THR A 180 -12.75 -32.58 15.47
CA THR A 180 -12.47 -33.87 16.07
C THR A 180 -13.77 -34.63 16.21
N CYS A 181 -13.73 -35.93 15.92
CA CYS A 181 -14.79 -36.84 16.30
C CYS A 181 -14.15 -37.92 17.16
N GLY A 182 -14.53 -37.96 18.44
CA GLY A 182 -13.89 -38.85 19.41
C GLY A 182 -13.95 -40.27 18.92
N GLY A 183 -12.97 -41.09 19.28
CA GLY A 183 -11.91 -40.76 20.22
C GLY A 183 -11.61 -41.98 21.09
N PRO A 184 -11.10 -41.75 22.30
CA PRO A 184 -10.91 -42.87 23.27
C PRO A 184 -12.22 -43.26 23.95
N PRO A 185 -12.43 -44.58 24.18
CA PRO A 185 -13.70 -45.13 24.72
C PRO A 185 -14.49 -44.30 25.74
N CYS A 186 -13.89 -43.96 26.89
CA CYS A 186 -14.41 -42.96 27.84
C CYS A 186 -15.74 -42.25 27.52
N CYS A 214 -14.12 -39.18 27.04
CA CYS A 214 -13.41 -38.12 27.74
C CYS A 214 -12.40 -37.44 26.80
N GLY A 215 -11.41 -38.19 26.32
CA GLY A 215 -10.54 -37.68 25.27
C GLY A 215 -11.26 -37.64 23.93
N SER A 216 -10.58 -37.04 22.95
CA SER A 216 -11.21 -36.79 21.65
C SER A 216 -10.20 -36.96 20.51
N GLY A 217 -10.58 -37.71 19.48
CA GLY A 217 -9.78 -37.85 18.29
C GLY A 217 -8.50 -38.66 18.48
N PRO A 218 -7.34 -38.01 18.30
CA PRO A 218 -6.06 -38.69 18.52
C PRO A 218 -5.67 -38.80 19.99
N TRP A 219 -6.36 -38.11 20.89
CA TRP A 219 -5.91 -38.06 22.28
C TRP A 219 -6.17 -39.40 22.96
N LEU A 220 -5.18 -39.88 23.70
CA LEU A 220 -5.26 -41.14 24.43
C LEU A 220 -5.56 -40.95 25.91
N THR A 221 -4.97 -39.93 26.52
CA THR A 221 -5.19 -39.50 27.89
C THR A 221 -5.32 -37.98 27.82
N PRO A 222 -5.66 -37.28 28.91
CA PRO A 222 -5.55 -35.81 28.85
C PRO A 222 -4.13 -35.35 28.57
N ARG A 223 -3.15 -36.22 28.82
CA ARG A 223 -1.72 -35.94 28.76
C ARG A 223 -1.10 -36.22 27.40
N CYS A 224 -1.74 -37.06 26.59
CA CYS A 224 -1.08 -37.79 25.51
C CYS A 224 -2.01 -37.91 24.31
N LEU A 225 -1.43 -37.76 23.12
CA LEU A 225 -2.16 -37.98 21.87
C LEU A 225 -1.24 -38.72 20.90
N VAL A 226 -1.86 -39.40 19.94
CA VAL A 226 -1.10 -40.16 18.94
C VAL A 226 -0.30 -39.19 18.08
N ASP A 227 0.97 -39.51 17.86
CA ASP A 227 1.80 -38.71 16.98
C ASP A 227 1.55 -39.13 15.54
N TYR A 228 1.52 -38.14 14.64
CA TYR A 228 1.28 -38.39 13.23
C TYR A 228 1.81 -37.20 12.45
N PRO A 229 2.03 -37.34 11.15
CA PRO A 229 2.78 -36.30 10.41
C PRO A 229 2.19 -34.90 10.50
N TYR A 230 0.90 -34.74 10.81
CA TYR A 230 0.30 -33.42 10.82
C TYR A 230 -0.15 -32.99 12.22
N ARG A 231 0.34 -33.65 13.27
CA ARG A 231 -0.02 -33.27 14.64
C ARG A 231 0.25 -31.81 14.93
N LEU A 232 1.42 -31.31 14.52
CA LEU A 232 1.78 -29.94 14.83
C LEU A 232 0.94 -28.93 14.06
N TRP A 233 0.34 -29.33 12.96
CA TRP A 233 -0.59 -28.47 12.26
C TRP A 233 -1.94 -28.44 12.98
N HIS A 234 -2.50 -29.62 13.29
CA HIS A 234 -3.81 -29.67 13.92
C HIS A 234 -3.76 -29.27 15.38
N TYR A 235 -2.65 -29.57 16.06
CA TYR A 235 -2.50 -29.31 17.49
C TYR A 235 -1.17 -28.58 17.71
N PRO A 236 -1.08 -27.33 17.27
CA PRO A 236 0.20 -26.62 17.34
C PRO A 236 0.73 -26.47 18.76
N CYS A 237 -0.14 -26.37 19.74
CA CYS A 237 0.30 -26.16 21.11
C CYS A 237 0.91 -27.40 21.75
N THR A 238 1.02 -28.51 21.03
CA THR A 238 1.71 -29.68 21.53
C THR A 238 3.13 -29.78 20.98
N VAL A 239 3.67 -28.66 20.49
CA VAL A 239 4.97 -28.67 19.83
C VAL A 239 6.06 -29.22 20.75
N ASN A 240 6.05 -28.92 22.06
CA ASN A 240 7.15 -29.47 22.86
C ASN A 240 6.64 -30.65 23.76
N PHE A 241 5.59 -31.35 23.33
CA PHE A 241 5.31 -32.69 23.85
C PHE A 241 6.49 -33.61 23.57
N THR A 242 6.72 -34.53 24.49
CA THR A 242 7.76 -35.54 24.37
C THR A 242 7.18 -36.76 23.68
N ILE A 243 8.02 -37.45 22.90
CA ILE A 243 7.57 -38.56 22.07
C ILE A 243 7.97 -39.87 22.72
N PHE A 244 6.99 -40.72 23.02
CA PHE A 244 7.22 -41.99 23.67
C PHE A 244 6.75 -43.13 22.75
N LYS A 245 7.57 -44.17 22.65
CA LYS A 245 7.12 -45.41 22.04
C LYS A 245 6.17 -46.11 23.01
N VAL A 246 4.93 -46.33 22.59
CA VAL A 246 3.95 -46.97 23.44
C VAL A 246 3.36 -48.16 22.69
N ARG A 247 2.61 -48.96 23.42
CA ARG A 247 2.01 -50.16 22.88
C ARG A 247 0.64 -50.31 23.53
N MET A 248 -0.38 -50.54 22.70
CA MET A 248 -1.74 -50.67 23.19
C MET A 248 -2.42 -51.85 22.51
N TYR A 249 -3.34 -52.47 23.24
CA TYR A 249 -4.11 -53.61 22.75
C TYR A 249 -5.59 -53.22 22.74
N VAL A 250 -6.21 -53.31 21.57
CA VAL A 250 -7.67 -53.20 21.47
C VAL A 250 -8.17 -54.32 20.56
N GLY A 251 -9.27 -54.96 20.96
CA GLY A 251 -9.76 -56.11 20.24
C GLY A 251 -8.72 -57.20 20.07
N GLY A 252 -7.80 -57.33 21.03
CA GLY A 252 -6.75 -58.33 20.96
C GLY A 252 -5.55 -57.98 20.10
N VAL A 253 -5.66 -56.98 19.23
CA VAL A 253 -4.60 -56.66 18.29
C VAL A 253 -3.63 -55.65 18.90
N GLU A 254 -2.33 -55.86 18.64
CA GLU A 254 -1.27 -55.04 19.20
C GLU A 254 -1.03 -53.83 18.29
N HIS A 255 -1.07 -52.64 18.87
CA HIS A 255 -0.75 -51.40 18.15
C HIS A 255 0.54 -50.82 18.71
N ARG A 256 1.52 -50.65 17.84
CA ARG A 256 2.77 -50.01 18.19
C ARG A 256 2.76 -48.62 17.59
N LEU A 257 2.78 -47.60 18.42
CA LEU A 257 2.80 -46.25 17.88
C LEU A 257 3.60 -45.32 18.78
N ASN A 258 3.79 -44.11 18.27
CA ASN A 258 4.43 -43.02 18.98
C ASN A 258 3.35 -42.16 19.61
N ALA A 259 3.51 -41.82 20.88
CA ALA A 259 2.61 -40.90 21.55
C ALA A 259 3.36 -39.65 21.94
N ALA A 260 2.74 -38.51 21.72
CA ALA A 260 3.24 -37.24 22.23
C ALA A 260 2.57 -36.95 23.58
N CYS A 261 3.37 -36.66 24.59
CA CYS A 261 2.88 -36.51 25.96
C CYS A 261 3.46 -35.26 26.59
N ASN A 262 2.74 -34.72 27.57
CA ASN A 262 3.17 -33.49 28.20
C ASN A 262 3.75 -33.75 29.58
N VAL B 2 0.63 -6.93 12.53
CA VAL B 2 -0.50 -6.03 12.69
C VAL B 2 -0.31 -4.77 11.83
N GLN B 3 0.89 -4.19 11.88
CA GLN B 3 1.16 -2.97 11.12
C GLN B 3 2.62 -2.96 10.67
N LEU B 4 2.85 -2.31 9.52
CA LEU B 4 4.18 -2.23 8.90
C LEU B 4 4.74 -0.83 9.09
N GLU B 5 5.87 -0.73 9.78
CA GLU B 5 6.54 0.54 10.00
C GLU B 5 7.90 0.52 9.33
N GLN B 6 8.14 1.47 8.45
CA GLN B 6 9.38 1.56 7.70
C GLN B 6 10.31 2.60 8.32
N SER B 7 11.58 2.51 7.93
CA SER B 7 12.60 3.41 8.45
C SER B 7 12.43 4.81 7.81
N GLY B 8 13.21 5.76 8.30
CA GLY B 8 13.01 7.13 7.93
C GLY B 8 13.55 7.47 6.54
N ALA B 9 13.18 8.66 6.07
CA ALA B 9 13.61 9.13 4.76
C ALA B 9 15.13 9.13 4.66
N GLU B 10 15.63 8.90 3.44
CA GLU B 10 17.05 8.81 3.17
C GLU B 10 17.39 9.73 2.00
N VAL B 11 18.56 10.35 2.06
CA VAL B 11 19.05 11.20 0.98
C VAL B 11 20.48 10.73 0.66
N LYS B 12 20.72 10.45 -0.62
CA LYS B 12 21.91 9.72 -1.05
C LYS B 12 22.47 10.40 -2.30
N LYS B 13 23.79 10.33 -2.43
CA LYS B 13 24.46 10.82 -3.62
C LYS B 13 24.44 9.75 -4.70
N PRO B 14 24.44 10.15 -5.97
CA PRO B 14 24.49 9.16 -7.06
C PRO B 14 25.67 8.22 -6.87
N GLY B 15 25.44 6.94 -7.19
CA GLY B 15 26.46 5.92 -7.08
C GLY B 15 26.53 5.26 -5.72
N SER B 16 25.76 5.73 -4.76
CA SER B 16 25.81 5.25 -3.38
C SER B 16 24.81 4.11 -3.20
N SER B 17 24.62 3.65 -1.95
CA SER B 17 23.65 2.63 -1.62
C SER B 17 22.79 3.10 -0.44
N VAL B 18 21.60 2.49 -0.33
CA VAL B 18 20.63 2.78 0.72
C VAL B 18 20.08 1.44 1.22
N LYS B 19 19.77 1.37 2.51
CA LYS B 19 19.21 0.16 3.11
C LYS B 19 17.98 0.53 3.93
N VAL B 20 16.81 0.12 3.46
CA VAL B 20 15.54 0.49 4.05
C VAL B 20 14.95 -0.71 4.77
N SER B 21 14.41 -0.47 5.96
CA SER B 21 13.87 -1.54 6.78
C SER B 21 12.34 -1.50 6.81
N CYS B 22 11.73 -2.66 6.99
CA CYS B 22 10.28 -2.80 7.14
C CYS B 22 10.04 -3.67 8.36
N LYS B 23 9.45 -3.11 9.41
CA LYS B 23 9.33 -3.79 10.68
C LYS B 23 7.87 -4.17 10.93
N ALA B 24 7.64 -5.41 11.37
CA ALA B 24 6.32 -5.84 11.79
C ALA B 24 6.04 -5.40 13.23
N SER B 25 4.90 -4.76 13.43
CA SER B 25 4.34 -4.55 14.76
C SER B 25 3.14 -5.46 14.95
N GLY B 26 3.02 -6.02 16.15
CA GLY B 26 1.93 -6.92 16.41
C GLY B 26 2.14 -8.32 15.91
N GLY B 27 3.36 -8.67 15.52
CA GLY B 27 3.63 -10.05 15.16
C GLY B 27 4.90 -10.32 14.39
N THR B 28 4.78 -11.11 13.32
CA THR B 28 5.92 -11.64 12.59
C THR B 28 5.56 -11.69 11.11
N PHE B 29 6.58 -11.56 10.24
CA PHE B 29 6.39 -11.74 8.81
C PHE B 29 6.32 -13.19 8.39
N SER B 30 6.40 -14.13 9.34
CA SER B 30 6.42 -15.55 9.05
C SER B 30 5.30 -15.95 8.11
N SER B 31 5.67 -16.62 7.01
CA SER B 31 4.79 -17.24 6.02
C SER B 31 4.22 -16.22 5.04
N PHE B 32 4.73 -15.00 5.04
CA PHE B 32 4.33 -13.99 4.08
C PHE B 32 5.50 -13.67 3.15
N VAL B 33 5.16 -13.20 1.95
CA VAL B 33 6.13 -12.52 1.12
C VAL B 33 6.05 -11.03 1.43
N ILE B 34 7.19 -10.44 1.75
CA ILE B 34 7.30 -9.01 1.97
C ILE B 34 7.82 -8.41 0.68
N ASN B 35 6.99 -7.64 0.00
CA ASN B 35 7.37 -7.06 -1.28
C ASN B 35 7.82 -5.62 -1.09
N TRP B 36 8.57 -5.12 -2.06
CA TRP B 36 8.95 -3.72 -2.12
C TRP B 36 8.42 -3.13 -3.42
N VAL B 37 7.68 -2.04 -3.29
CA VAL B 37 7.09 -1.34 -4.43
C VAL B 37 7.56 0.10 -4.35
N ARG B 38 7.98 0.66 -5.48
CA ARG B 38 8.47 2.02 -5.46
C ARG B 38 7.60 2.90 -6.35
N GLN B 39 7.62 4.20 -6.05
CA GLN B 39 6.73 5.14 -6.74
C GLN B 39 7.48 6.46 -6.92
N ALA B 40 7.96 6.71 -8.14
CA ALA B 40 8.63 7.96 -8.42
C ALA B 40 7.62 9.09 -8.24
N PRO B 41 8.11 10.30 -7.85
CA PRO B 41 7.21 11.36 -7.34
C PRO B 41 5.85 11.52 -8.02
N GLY B 42 5.77 11.53 -9.35
CA GLY B 42 4.45 11.58 -9.95
C GLY B 42 3.82 10.29 -10.47
N GLN B 43 4.61 9.22 -10.54
CA GLN B 43 4.35 8.12 -11.46
C GLN B 43 3.57 6.98 -10.81
N GLY B 44 3.40 5.88 -11.56
CA GLY B 44 2.72 4.71 -11.06
C GLY B 44 3.63 3.81 -10.23
N LEU B 45 3.05 2.71 -9.77
CA LEU B 45 3.75 1.81 -8.87
C LEU B 45 4.64 0.86 -9.68
N GLU B 46 5.74 0.45 -9.06
CA GLU B 46 6.71 -0.42 -9.72
C GLU B 46 7.17 -1.47 -8.73
N TRP B 47 6.90 -2.74 -9.06
CA TRP B 47 7.39 -3.84 -8.23
C TRP B 47 8.92 -3.93 -8.29
N VAL B 48 9.55 -3.97 -7.12
CA VAL B 48 11.00 -4.15 -7.04
C VAL B 48 11.37 -5.61 -6.78
N GLY B 49 10.60 -6.28 -5.94
CA GLY B 49 10.84 -7.68 -5.67
C GLY B 49 10.24 -8.06 -4.33
N GLY B 50 10.38 -9.35 -4.02
CA GLY B 50 9.74 -9.89 -2.83
C GLY B 50 10.59 -10.99 -2.23
N ILE B 51 10.52 -11.09 -0.90
CA ILE B 51 11.25 -12.11 -0.14
C ILE B 51 10.25 -12.88 0.71
N PHE B 52 10.32 -14.20 0.65
CA PHE B 52 9.40 -15.07 1.37
C PHE B 52 10.00 -15.48 2.72
N GLN B 53 9.17 -15.44 3.77
CA GLN B 53 9.59 -15.77 5.13
C GLN B 53 9.06 -17.17 5.45
N ALA B 54 9.89 -18.17 5.20
CA ALA B 54 9.46 -19.57 5.38
C ALA B 54 9.20 -19.85 6.86
N PRO B 55 8.04 -20.38 7.22
CA PRO B 55 7.81 -20.77 8.63
C PRO B 55 8.68 -21.91 9.10
N GLY B 56 9.24 -22.69 8.18
CA GLY B 56 10.09 -23.81 8.55
C GLY B 56 10.45 -24.65 7.34
N PRO B 57 10.95 -25.85 7.57
CA PRO B 57 11.28 -26.74 6.43
C PRO B 57 10.03 -27.10 5.64
N GLU B 58 10.16 -27.02 4.32
CA GLU B 58 9.10 -27.47 3.42
C GLU B 58 8.67 -28.90 3.73
N ARG B 59 7.38 -29.17 3.60
CA ARG B 59 6.85 -30.54 3.55
C ARG B 59 6.80 -30.93 2.08
N GLU B 60 7.67 -31.86 1.66
CA GLU B 60 7.93 -31.94 0.22
C GLU B 60 6.94 -32.84 -0.51
N TRP B 61 6.06 -33.55 0.18
CA TRP B 61 4.99 -34.26 -0.52
C TRP B 61 4.00 -33.31 -1.20
N LEU B 62 4.01 -32.02 -0.85
CA LEU B 62 3.16 -31.04 -1.50
C LEU B 62 3.96 -30.07 -2.36
N ARG B 63 5.18 -30.46 -2.75
CA ARG B 63 6.07 -29.58 -3.50
C ARG B 63 5.42 -29.11 -4.79
N ASP B 64 4.72 -30.01 -5.46
CA ASP B 64 4.27 -29.73 -6.80
C ASP B 64 3.12 -28.73 -6.85
N ILE B 65 2.39 -28.55 -5.75
CA ILE B 65 1.34 -27.54 -5.71
C ILE B 65 1.68 -26.36 -4.80
N ASN B 66 2.81 -26.40 -4.09
CA ASN B 66 3.26 -25.26 -3.31
C ASN B 66 3.47 -24.06 -4.24
N PRO B 67 2.80 -22.93 -4.01
CA PRO B 67 2.87 -21.80 -4.94
C PRO B 67 4.15 -20.99 -4.87
N ILE B 68 5.04 -21.29 -3.92
CA ILE B 68 6.26 -20.52 -3.74
C ILE B 68 7.33 -20.98 -4.73
N SER B 69 7.81 -20.07 -5.56
CA SER B 69 8.90 -20.32 -6.51
C SER B 69 10.12 -19.49 -6.09
N GLY B 70 10.96 -20.09 -5.23
CA GLY B 70 12.14 -19.41 -4.74
C GLY B 70 11.86 -18.45 -3.60
N THR B 71 12.77 -18.36 -2.64
CA THR B 71 12.54 -17.47 -1.51
C THR B 71 12.67 -16.01 -1.89
N ILE B 72 13.46 -15.71 -2.92
CA ILE B 72 13.79 -14.34 -3.30
C ILE B 72 13.55 -14.15 -4.80
N ASN B 73 12.71 -13.17 -5.15
CA ASN B 73 12.49 -12.82 -6.56
C ASN B 73 12.66 -11.32 -6.74
N TYR B 74 13.34 -10.92 -7.80
CA TYR B 74 13.58 -9.51 -8.10
C TYR B 74 13.11 -9.20 -9.51
N ALA B 75 12.49 -8.03 -9.68
CA ALA B 75 12.18 -7.57 -11.03
C ALA B 75 13.48 -7.46 -11.84
N GLN B 76 13.41 -7.82 -13.12
CA GLN B 76 14.60 -7.92 -13.95
C GLN B 76 15.41 -6.63 -13.93
N ARG B 77 14.72 -5.48 -13.92
CA ARG B 77 15.38 -4.17 -13.96
C ARG B 77 16.33 -3.97 -12.78
N PHE B 78 16.11 -4.65 -11.65
CA PHE B 78 16.91 -4.41 -10.45
C PHE B 78 17.89 -5.53 -10.13
N GLN B 79 17.93 -6.59 -10.94
CA GLN B 79 18.85 -7.69 -10.66
C GLN B 79 20.28 -7.21 -10.76
N GLY B 80 21.12 -7.63 -9.82
CA GLY B 80 22.49 -7.15 -9.75
C GLY B 80 22.71 -5.94 -8.87
N ARG B 81 21.64 -5.26 -8.41
CA ARG B 81 21.87 -4.12 -7.54
C ARG B 81 20.82 -3.95 -6.44
N VAL B 82 19.92 -4.92 -6.24
CA VAL B 82 19.03 -4.92 -5.08
C VAL B 82 19.26 -6.21 -4.31
N THR B 83 19.27 -6.10 -2.99
CA THR B 83 19.40 -7.25 -2.10
C THR B 83 18.30 -7.17 -1.07
N MET B 84 17.58 -8.26 -0.87
CA MET B 84 16.54 -8.32 0.14
C MET B 84 16.91 -9.38 1.15
N THR B 85 16.79 -9.01 2.43
CA THR B 85 17.17 -9.88 3.52
C THR B 85 16.09 -9.81 4.59
N ALA B 86 16.20 -10.71 5.56
CA ALA B 86 15.34 -10.70 6.73
C ALA B 86 16.18 -11.11 7.93
N ASP B 87 15.86 -10.56 9.10
CA ASP B 87 16.53 -11.02 10.30
C ASP B 87 15.99 -12.38 10.71
N GLU B 88 16.75 -13.08 11.56
CA GLU B 88 16.35 -14.43 11.94
C GLU B 88 15.04 -14.44 12.73
N SER B 89 14.69 -13.32 13.36
CA SER B 89 13.41 -13.20 14.06
C SER B 89 12.21 -13.11 13.11
N MET B 90 12.43 -12.74 11.85
CA MET B 90 11.38 -12.51 10.85
C MET B 90 10.43 -11.39 11.27
N THR B 91 10.92 -10.43 12.07
CA THR B 91 10.20 -9.20 12.34
C THR B 91 10.67 -8.03 11.48
N THR B 92 11.79 -8.16 10.77
CA THR B 92 12.29 -7.08 9.94
C THR B 92 12.80 -7.64 8.62
N VAL B 93 12.40 -7.00 7.53
CA VAL B 93 12.92 -7.27 6.20
C VAL B 93 13.58 -6.00 5.70
N TYR B 94 14.72 -6.14 5.05
CA TYR B 94 15.48 -5.02 4.51
C TYR B 94 15.47 -5.07 2.99
N MET B 95 15.52 -3.88 2.38
CA MET B 95 15.84 -3.75 0.96
C MET B 95 17.04 -2.82 0.83
N GLU B 96 18.11 -3.35 0.25
CA GLU B 96 19.32 -2.59 -0.04
C GLU B 96 19.42 -2.41 -1.54
N LEU B 97 19.45 -1.16 -1.98
CA LEU B 97 19.55 -0.81 -3.39
C LEU B 97 20.88 -0.07 -3.60
N SER B 98 21.67 -0.56 -4.55
CA SER B 98 23.03 -0.10 -4.82
C SER B 98 23.11 0.67 -6.12
N SER B 99 24.28 1.27 -6.34
CA SER B 99 24.56 2.04 -7.55
C SER B 99 23.45 3.05 -7.84
N LEU B 100 23.12 3.84 -6.82
CA LEU B 100 21.93 4.67 -6.90
C LEU B 100 22.03 5.71 -8.00
N ARG B 101 20.92 5.91 -8.71
CA ARG B 101 20.81 6.92 -9.76
C ARG B 101 19.67 7.86 -9.42
N SER B 102 19.66 9.02 -10.08
CA SER B 102 18.65 10.02 -9.78
C SER B 102 17.24 9.49 -10.06
N GLU B 103 17.08 8.67 -11.10
CA GLU B 103 15.80 7.98 -11.34
C GLU B 103 15.46 6.97 -10.25
N ASP B 104 16.33 6.73 -9.27
CA ASP B 104 15.90 5.91 -8.14
C ASP B 104 15.19 6.74 -7.07
N THR B 105 15.14 8.07 -7.23
CA THR B 105 14.38 8.92 -6.33
C THR B 105 12.92 8.50 -6.37
N ALA B 106 12.41 8.09 -5.21
CA ALA B 106 11.04 7.57 -5.16
C ALA B 106 10.69 7.25 -3.72
N MET B 107 9.39 7.17 -3.46
CA MET B 107 8.88 6.56 -2.24
C MET B 107 8.96 5.03 -2.35
N TYR B 108 9.53 4.38 -1.35
CA TYR B 108 9.66 2.92 -1.34
C TYR B 108 8.73 2.35 -0.28
N TYR B 109 7.77 1.55 -0.72
CA TYR B 109 6.84 0.85 0.15
C TYR B 109 7.20 -0.62 0.30
N CYS B 110 7.09 -1.12 1.52
CA CYS B 110 6.99 -2.56 1.73
C CYS B 110 5.51 -2.91 1.83
N ALA B 111 5.18 -4.13 1.38
CA ALA B 111 3.80 -4.59 1.36
C ALA B 111 3.78 -6.10 1.56
N ARG B 112 2.94 -6.54 2.49
CA ARG B 112 2.81 -7.95 2.84
C ARG B 112 1.90 -8.65 1.85
N GLU B 113 2.32 -9.81 1.40
CA GLU B 113 1.53 -10.65 0.51
C GLU B 113 1.37 -12.04 1.13
N ASN B 114 0.14 -12.52 1.18
CA ASN B 114 -0.13 -13.90 1.63
C ASN B 114 -0.37 -14.77 0.40
N LYS B 115 0.63 -15.57 0.01
CA LYS B 115 0.45 -16.46 -1.14
C LYS B 115 -0.46 -17.62 -0.82
N PHE B 116 -0.82 -17.82 0.44
CA PHE B 116 -1.71 -18.90 0.84
C PHE B 116 -3.03 -18.32 1.33
N ARG B 117 -3.61 -17.43 0.53
CA ARG B 117 -4.90 -16.84 0.88
C ARG B 117 -6.01 -17.89 0.83
N TYR B 118 -6.06 -18.66 -0.25
CA TYR B 118 -7.00 -19.76 -0.33
C TYR B 118 -6.47 -20.79 -1.32
N CYS B 119 -6.97 -22.01 -1.20
CA CYS B 119 -6.63 -23.09 -2.11
C CYS B 119 -7.90 -23.79 -2.52
N ARG B 120 -7.89 -24.35 -3.71
CA ARG B 120 -9.03 -25.05 -4.27
C ARG B 120 -8.52 -25.83 -5.46
N GLY B 121 -8.90 -27.10 -5.56
CA GLY B 121 -8.62 -27.90 -6.74
C GLY B 121 -7.15 -28.13 -7.04
N GLY B 122 -6.29 -28.17 -6.04
CA GLY B 122 -4.89 -28.46 -6.27
C GLY B 122 -4.01 -27.25 -6.51
N SER B 123 -4.49 -26.04 -6.30
CA SER B 123 -3.60 -24.89 -6.34
C SER B 123 -4.06 -23.86 -5.31
N CYS B 124 -3.12 -23.00 -4.91
CA CYS B 124 -3.37 -21.96 -3.94
C CYS B 124 -3.19 -20.61 -4.62
N TYR B 125 -3.91 -19.62 -4.10
CA TYR B 125 -3.99 -18.32 -4.73
C TYR B 125 -3.60 -17.21 -3.76
N SER B 126 -3.12 -16.10 -4.30
CA SER B 126 -2.66 -15.01 -3.47
C SER B 126 -3.81 -14.12 -3.01
N GLY B 127 -3.55 -13.35 -1.96
CA GLY B 127 -4.43 -12.29 -1.53
C GLY B 127 -4.00 -10.90 -1.98
N ALA B 128 -3.03 -10.81 -2.89
CA ALA B 128 -2.45 -9.57 -3.38
C ALA B 128 -1.69 -8.85 -2.26
N PHE B 129 -1.37 -7.57 -2.44
CA PHE B 129 -0.60 -6.84 -1.44
C PHE B 129 -1.60 -6.25 -0.45
N ASP B 130 -1.80 -6.94 0.68
CA ASP B 130 -2.93 -6.60 1.53
C ASP B 130 -2.59 -5.64 2.66
N MET B 131 -1.32 -5.50 3.01
CA MET B 131 -0.92 -4.59 4.08
C MET B 131 0.34 -3.84 3.67
N TRP B 132 0.32 -2.53 3.80
CA TRP B 132 1.37 -1.66 3.28
C TRP B 132 1.99 -0.86 4.41
N GLY B 133 3.31 -0.72 4.36
CA GLY B 133 3.98 0.25 5.19
C GLY B 133 3.67 1.66 4.74
N GLN B 134 4.12 2.62 5.55
CA GLN B 134 3.82 4.02 5.30
C GLN B 134 4.71 4.62 4.22
N GLY B 135 5.77 3.92 3.80
CA GLY B 135 6.63 4.47 2.78
C GLY B 135 7.88 5.10 3.34
N THR B 136 8.99 4.89 2.66
CA THR B 136 10.27 5.52 2.97
C THR B 136 10.69 6.31 1.73
N MET B 137 10.79 7.62 1.87
CA MET B 137 11.22 8.44 0.74
C MET B 137 12.74 8.34 0.60
N VAL B 138 13.20 8.04 -0.62
CA VAL B 138 14.62 7.97 -0.93
C VAL B 138 14.89 9.00 -2.00
N THR B 139 15.74 9.97 -1.67
CA THR B 139 16.12 11.04 -2.58
C THR B 139 17.56 10.82 -3.00
N VAL B 140 17.80 10.75 -4.31
CA VAL B 140 19.14 10.57 -4.86
C VAL B 140 19.52 11.84 -5.60
N SER B 141 20.49 12.57 -5.07
CA SER B 141 20.83 13.87 -5.60
C SER B 141 22.28 14.18 -5.23
N SER B 142 22.94 14.97 -6.08
CA SER B 142 24.28 15.48 -5.78
C SER B 142 24.25 16.70 -4.88
N ALA B 143 23.08 17.27 -4.62
CA ALA B 143 22.98 18.48 -3.83
C ALA B 143 23.39 18.23 -2.38
N SER B 144 23.78 19.30 -1.71
CA SER B 144 24.15 19.23 -0.30
C SER B 144 23.08 19.89 0.56
N THR B 145 22.99 19.42 1.80
CA THR B 145 21.97 19.88 2.74
C THR B 145 22.08 21.39 2.94
N LYS B 146 20.93 22.07 2.90
CA LYS B 146 20.93 23.52 2.98
C LYS B 146 19.56 23.99 3.48
N GLY B 147 19.56 24.85 4.50
CA GLY B 147 18.35 25.41 5.05
C GLY B 147 17.80 26.48 4.14
N PRO B 148 16.49 26.72 4.21
CA PRO B 148 15.86 27.67 3.29
C PRO B 148 16.08 29.12 3.71
N SER B 149 15.94 30.01 2.73
CA SER B 149 15.67 31.43 2.98
C SER B 149 14.17 31.64 2.95
N VAL B 150 13.66 32.40 3.90
CA VAL B 150 12.22 32.65 4.00
C VAL B 150 11.98 34.11 3.70
N PHE B 151 11.15 34.40 2.70
CA PHE B 151 10.83 35.77 2.32
C PHE B 151 9.32 36.01 2.43
N PRO B 152 8.90 37.23 2.78
CA PRO B 152 7.47 37.49 2.87
C PRO B 152 6.81 37.62 1.51
N LEU B 153 5.54 37.27 1.47
CA LEU B 153 4.66 37.55 0.34
C LEU B 153 3.66 38.55 0.90
N ALA B 154 4.01 39.83 0.78
CA ALA B 154 3.33 40.86 1.54
C ALA B 154 1.96 41.16 0.94
N PRO B 155 0.91 41.26 1.75
CA PRO B 155 -0.39 41.67 1.20
C PRO B 155 -0.35 43.11 0.71
N SER B 156 -1.13 43.38 -0.33
CA SER B 156 -1.21 44.70 -0.95
C SER B 156 -2.60 44.85 -1.56
N SER B 157 -2.85 46.03 -2.14
CA SER B 157 -4.05 46.19 -2.97
C SER B 157 -4.05 45.19 -4.13
N LYS B 158 -2.86 44.82 -4.64
CA LYS B 158 -2.70 43.83 -5.70
C LYS B 158 -2.85 42.39 -5.22
N SER B 159 -3.19 42.19 -3.94
CA SER B 159 -3.45 40.85 -3.42
C SER B 159 -4.72 40.82 -2.58
N THR B 160 -5.66 41.71 -2.88
CA THR B 160 -6.98 41.69 -2.26
C THR B 160 -8.04 41.48 -3.33
N SER B 161 -9.12 40.80 -2.95
CA SER B 161 -10.33 40.71 -3.77
C SER B 161 -11.50 40.93 -2.84
N GLY B 162 -12.40 41.85 -3.20
CA GLY B 162 -13.47 42.23 -2.30
C GLY B 162 -12.94 42.59 -0.91
N GLY B 163 -13.38 41.86 0.11
CA GLY B 163 -12.92 42.10 1.47
C GLY B 163 -11.87 41.14 1.99
N THR B 164 -11.24 40.35 1.12
CA THR B 164 -10.28 39.34 1.57
C THR B 164 -8.92 39.58 0.90
N ALA B 165 -7.85 39.39 1.68
CA ALA B 165 -6.48 39.59 1.22
C ALA B 165 -5.70 38.28 1.30
N ALA B 166 -4.71 38.15 0.42
CA ALA B 166 -3.79 37.02 0.41
C ALA B 166 -2.41 37.47 0.88
N LEU B 167 -1.74 36.62 1.66
CA LEU B 167 -0.38 36.89 2.05
C LEU B 167 0.32 35.55 2.16
N GLY B 168 1.63 35.56 2.32
CA GLY B 168 2.30 34.28 2.35
C GLY B 168 3.76 34.39 2.71
N CYS B 169 4.45 33.26 2.55
CA CYS B 169 5.88 33.13 2.77
C CYS B 169 6.44 32.34 1.60
N LEU B 170 7.55 32.82 1.05
CA LEU B 170 8.29 32.09 0.02
C LEU B 170 9.47 31.39 0.71
N VAL B 171 9.55 30.08 0.59
CA VAL B 171 10.56 29.27 1.27
C VAL B 171 11.48 28.72 0.18
N LYS B 172 12.62 29.39 -0.01
CA LYS B 172 13.43 29.26 -1.22
C LYS B 172 14.73 28.54 -0.91
N ASP B 173 15.16 27.68 -1.86
CA ASP B 173 16.53 27.23 -1.95
C ASP B 173 16.95 26.36 -0.74
N TYR B 174 16.21 25.28 -0.52
CA TYR B 174 16.58 24.33 0.51
C TYR B 174 16.78 22.95 -0.09
N PHE B 175 17.54 22.12 0.63
CA PHE B 175 17.71 20.72 0.27
C PHE B 175 18.04 19.97 1.55
N PRO B 176 17.44 18.80 1.79
CA PRO B 176 16.43 18.18 0.91
C PRO B 176 15.01 18.41 1.44
N GLU B 177 14.04 17.77 0.80
CA GLU B 177 12.71 17.72 1.37
C GLU B 177 12.73 16.96 2.69
N PRO B 178 11.74 17.20 3.58
CA PRO B 178 10.63 18.17 3.55
C PRO B 178 10.90 19.42 4.36
N VAL B 179 10.07 20.45 4.16
CA VAL B 179 9.90 21.52 5.13
C VAL B 179 8.45 21.45 5.60
N THR B 180 8.23 21.91 6.83
CA THR B 180 6.88 22.18 7.30
C THR B 180 6.68 23.68 7.41
N VAL B 181 5.47 24.13 7.13
CA VAL B 181 5.04 25.49 7.35
C VAL B 181 3.73 25.44 8.12
N SER B 182 3.68 26.15 9.23
CA SER B 182 2.43 26.49 9.88
C SER B 182 2.33 28.01 9.96
N TRP B 183 1.15 28.51 10.30
CA TRP B 183 0.91 29.94 10.45
C TRP B 183 0.46 30.22 11.87
N ASN B 184 1.10 31.20 12.51
CA ASN B 184 0.76 31.63 13.87
C ASN B 184 0.78 30.45 14.83
N SER B 185 1.80 29.60 14.68
CA SER B 185 1.98 28.43 15.53
C SER B 185 0.79 27.48 15.49
N GLY B 186 0.20 27.30 14.31
CA GLY B 186 -0.93 26.39 14.19
C GLY B 186 -2.28 26.98 14.54
N ALA B 187 -2.33 28.26 14.92
CA ALA B 187 -3.61 28.88 15.25
C ALA B 187 -4.45 29.16 13.99
N LEU B 188 -3.85 29.35 12.82
CA LEU B 188 -4.66 29.46 11.62
C LEU B 188 -4.22 28.41 10.60
N THR B 189 -5.19 27.61 10.18
CA THR B 189 -4.98 26.43 9.35
C THR B 189 -5.94 26.53 8.19
N SER B 190 -7.10 27.11 8.46
CA SER B 190 -8.13 27.32 7.46
C SER B 190 -7.72 28.39 6.47
N GLY B 191 -7.94 28.11 5.17
CA GLY B 191 -7.53 29.01 4.13
C GLY B 191 -6.05 28.98 3.79
N VAL B 192 -5.29 28.07 4.38
CA VAL B 192 -3.86 27.96 4.13
C VAL B 192 -3.63 27.01 2.95
N HIS B 193 -2.78 27.41 2.01
CA HIS B 193 -2.31 26.55 0.94
C HIS B 193 -0.78 26.56 0.95
N THR B 194 -0.22 25.43 1.35
CA THR B 194 1.22 25.21 1.30
C THR B 194 1.49 24.33 0.10
N PHE B 195 2.04 24.93 -0.96
CA PHE B 195 2.14 24.25 -2.25
C PHE B 195 3.20 23.16 -2.25
N PRO B 196 3.02 22.14 -3.07
CA PRO B 196 4.09 21.17 -3.29
C PRO B 196 5.37 21.90 -3.70
N ALA B 197 6.48 21.49 -3.10
CA ALA B 197 7.77 22.05 -3.47
C ALA B 197 8.06 21.77 -4.95
N VAL B 198 8.79 22.68 -5.59
CA VAL B 198 9.31 22.44 -6.94
C VAL B 198 10.82 22.33 -6.86
N LEU B 199 11.37 21.40 -7.61
CA LEU B 199 12.81 21.21 -7.70
C LEU B 199 13.35 22.16 -8.77
N GLN B 200 14.27 23.03 -8.39
CA GLN B 200 14.81 24.00 -9.34
C GLN B 200 15.98 23.38 -10.07
N SER B 201 16.35 23.99 -11.21
CA SER B 201 17.48 23.51 -11.98
C SER B 201 18.78 23.52 -11.17
N SER B 202 18.85 24.34 -10.13
CA SER B 202 19.97 24.34 -9.20
C SER B 202 20.05 23.07 -8.35
N GLY B 203 19.02 22.23 -8.34
CA GLY B 203 18.98 21.09 -7.45
C GLY B 203 18.36 21.38 -6.10
N LEU B 204 18.03 22.63 -5.82
CA LEU B 204 17.38 23.01 -4.58
C LEU B 204 15.89 23.17 -4.79
N TYR B 205 15.14 22.94 -3.74
CA TYR B 205 13.69 23.04 -3.75
C TYR B 205 13.23 24.44 -3.39
N SER B 206 12.01 24.76 -3.79
CA SER B 206 11.41 26.02 -3.40
C SER B 206 9.91 25.83 -3.30
N LEU B 207 9.30 26.59 -2.40
CA LEU B 207 7.94 26.36 -1.99
C LEU B 207 7.35 27.68 -1.54
N SER B 208 6.08 27.90 -1.81
CA SER B 208 5.39 29.02 -1.16
C SER B 208 4.25 28.48 -0.33
N SER B 209 3.91 29.23 0.73
CA SER B 209 2.74 28.97 1.57
C SER B 209 1.96 30.27 1.68
N VAL B 210 0.66 30.22 1.35
CA VAL B 210 -0.18 31.40 1.32
C VAL B 210 -1.42 31.16 2.17
N VAL B 211 -2.04 32.26 2.58
CA VAL B 211 -3.27 32.21 3.36
C VAL B 211 -4.10 33.43 2.99
N THR B 212 -5.42 33.27 3.03
CA THR B 212 -6.34 34.36 2.78
C THR B 212 -7.01 34.76 4.09
N VAL B 213 -7.13 36.07 4.29
CA VAL B 213 -7.56 36.65 5.57
C VAL B 213 -8.43 37.85 5.28
N PRO B 214 -9.28 38.24 6.24
CA PRO B 214 -10.08 39.45 6.02
C PRO B 214 -9.19 40.68 5.87
N SER B 215 -9.52 41.49 4.88
CA SER B 215 -8.74 42.70 4.62
C SER B 215 -8.71 43.62 5.83
N SER B 216 -9.78 43.63 6.64
CA SER B 216 -9.84 44.48 7.82
C SER B 216 -8.90 44.03 8.93
N SER B 217 -8.22 42.89 8.76
CA SER B 217 -7.26 42.42 9.74
C SER B 217 -5.84 42.89 9.46
N LEU B 218 -5.55 43.40 8.26
CA LEU B 218 -4.17 43.76 7.90
C LEU B 218 -3.68 44.88 8.79
N GLY B 219 -2.50 44.70 9.39
CA GLY B 219 -1.98 45.68 10.33
C GLY B 219 -2.64 45.67 11.68
N THR B 220 -3.67 44.85 11.88
CA THR B 220 -4.21 44.59 13.21
C THR B 220 -3.84 43.19 13.68
N GLN B 221 -4.11 42.17 12.88
CA GLN B 221 -3.70 40.82 13.20
C GLN B 221 -2.26 40.61 12.74
N THR B 222 -1.45 40.00 13.60
CA THR B 222 -0.08 39.65 13.26
C THR B 222 -0.06 38.28 12.57
N TYR B 223 0.73 38.17 11.51
CA TYR B 223 0.83 36.94 10.73
C TYR B 223 2.28 36.49 10.69
N ILE B 224 2.53 35.31 11.24
CA ILE B 224 3.86 34.71 11.28
C ILE B 224 3.77 33.34 10.63
N CYS B 225 4.64 33.07 9.67
CA CYS B 225 4.76 31.71 9.14
C CYS B 225 5.92 31.02 9.84
N ASN B 226 5.65 29.83 10.37
CA ASN B 226 6.63 29.04 11.10
C ASN B 226 7.17 27.99 10.14
N VAL B 227 8.42 28.13 9.75
CA VAL B 227 9.06 27.24 8.78
C VAL B 227 10.01 26.37 9.56
N ASN B 228 9.94 25.05 9.34
CA ASN B 228 10.85 24.13 9.99
C ASN B 228 11.45 23.20 8.94
N HIS B 229 12.77 23.22 8.84
CA HIS B 229 13.54 22.38 7.92
C HIS B 229 14.39 21.49 8.78
N LYS B 230 13.81 20.40 9.25
CA LYS B 230 14.51 19.51 10.17
C LYS B 230 15.82 18.96 9.61
N PRO B 231 15.96 18.62 8.32
CA PRO B 231 17.25 18.09 7.85
C PRO B 231 18.42 19.04 8.01
N SER B 232 18.20 20.36 7.99
CA SER B 232 19.29 21.29 8.24
C SER B 232 19.22 21.93 9.62
N ASN B 233 18.30 21.49 10.48
CA ASN B 233 18.11 22.05 11.82
C ASN B 233 17.86 23.56 11.75
N THR B 234 17.01 23.97 10.81
CA THR B 234 16.71 25.36 10.54
C THR B 234 15.24 25.62 10.86
N LYS B 235 14.99 26.54 11.79
CA LYS B 235 13.65 27.00 12.10
C LYS B 235 13.63 28.50 11.98
N VAL B 236 12.61 29.01 11.31
CA VAL B 236 12.47 30.44 11.03
C VAL B 236 11.02 30.83 11.28
N ASP B 237 10.81 31.92 12.02
CA ASP B 237 9.53 32.58 12.18
C ASP B 237 9.60 33.93 11.46
N LYS B 238 8.84 34.08 10.38
CA LYS B 238 8.82 35.30 9.58
C LYS B 238 7.51 36.06 9.81
N ARG B 239 7.62 37.28 10.33
CA ARG B 239 6.46 38.14 10.36
C ARG B 239 6.20 38.67 8.95
N VAL B 240 4.95 38.57 8.51
CA VAL B 240 4.56 39.03 7.19
C VAL B 240 3.61 40.18 7.40
N GLU B 241 3.97 41.36 6.94
CA GLU B 241 3.11 42.53 7.14
C GLU B 241 2.95 43.30 5.84
N PRO B 242 1.94 44.19 5.78
CA PRO B 242 1.64 44.87 4.51
C PRO B 242 2.83 45.62 3.94
N LYS B 243 2.81 45.75 2.61
CA LYS B 243 3.76 46.50 1.78
C LYS B 243 4.50 47.66 2.49
N GLU C 1 7.23 -8.28 -20.41
CA GLU C 1 6.32 -8.56 -19.31
C GLU C 1 4.90 -8.16 -19.64
N ILE C 2 3.98 -8.49 -18.73
CA ILE C 2 2.56 -8.22 -18.96
C ILE C 2 2.28 -6.74 -18.76
N GLU C 3 1.66 -6.12 -19.77
CA GLU C 3 1.43 -4.69 -19.78
C GLU C 3 0.00 -4.39 -19.36
N LEU C 4 -0.17 -3.46 -18.42
CA LEU C 4 -1.47 -3.08 -17.89
C LEU C 4 -1.76 -1.64 -18.29
N THR C 5 -2.79 -1.45 -19.11
CA THR C 5 -3.20 -0.13 -19.57
C THR C 5 -4.45 0.29 -18.81
N GLN C 6 -4.36 1.39 -18.09
CA GLN C 6 -5.49 1.94 -17.36
C GLN C 6 -6.08 3.11 -18.13
N SER C 7 -7.42 3.17 -18.17
CA SER C 7 -8.11 4.19 -18.92
C SER C 7 -9.42 4.46 -18.21
N PRO C 8 -9.88 5.72 -18.16
CA PRO C 8 -9.11 6.88 -18.65
C PRO C 8 -8.06 7.31 -17.63
N ALA C 9 -7.22 8.29 -17.99
CA ALA C 9 -6.19 8.73 -17.07
C ALA C 9 -6.78 9.51 -15.90
N THR C 10 -7.77 10.38 -16.18
CA THR C 10 -8.44 11.16 -15.16
C THR C 10 -9.94 10.96 -15.26
N LEU C 11 -10.59 10.87 -14.11
CA LEU C 11 -12.04 10.84 -14.03
C LEU C 11 -12.49 11.98 -13.13
N SER C 12 -13.49 12.74 -13.60
CA SER C 12 -14.18 13.73 -12.79
C SER C 12 -15.60 13.24 -12.58
N VAL C 13 -15.98 12.97 -11.32
CA VAL C 13 -17.28 12.40 -11.00
C VAL C 13 -17.96 13.27 -9.95
N SER C 14 -19.24 13.50 -10.14
CA SER C 14 -19.97 14.24 -9.13
C SER C 14 -20.32 13.31 -7.97
N PRO C 15 -20.34 13.84 -6.75
CA PRO C 15 -20.65 12.99 -5.59
C PRO C 15 -22.02 12.35 -5.73
N GLY C 16 -22.08 11.06 -5.43
CA GLY C 16 -23.30 10.30 -5.57
C GLY C 16 -23.44 9.58 -6.90
N GLU C 17 -22.61 9.90 -7.88
CA GLU C 17 -22.62 9.22 -9.17
C GLU C 17 -21.60 8.08 -9.15
N SER C 18 -21.57 7.33 -10.24
CA SER C 18 -20.70 6.16 -10.36
C SER C 18 -19.46 6.47 -11.17
N ALA C 19 -18.36 5.83 -10.80
CA ALA C 19 -17.10 5.90 -11.53
C ALA C 19 -16.77 4.51 -12.05
N THR C 20 -16.49 4.42 -13.35
CA THR C 20 -16.08 3.18 -13.99
C THR C 20 -14.65 3.34 -14.48
N LEU C 21 -13.74 2.57 -13.91
CA LEU C 21 -12.34 2.56 -14.28
C LEU C 21 -12.04 1.30 -15.09
N SER C 22 -11.16 1.41 -16.07
CA SER C 22 -10.82 0.28 -16.92
C SER C 22 -9.35 -0.08 -16.75
N CYS C 23 -9.07 -1.38 -16.82
CA CYS C 23 -7.71 -1.90 -16.78
C CYS C 23 -7.66 -3.05 -17.78
N ARG C 24 -6.74 -2.96 -18.75
CA ARG C 24 -6.63 -3.97 -19.79
C ARG C 24 -5.20 -4.50 -19.85
N ALA C 25 -5.08 -5.82 -19.85
CA ALA C 25 -3.78 -6.49 -19.85
C ALA C 25 -3.42 -6.95 -21.27
N SER C 26 -2.12 -6.88 -21.59
CA SER C 26 -1.63 -7.38 -22.87
C SER C 26 -1.95 -8.87 -23.03
N GLN C 27 -1.31 -9.72 -22.25
CA GLN C 27 -1.67 -11.13 -22.22
C GLN C 27 -2.73 -11.37 -21.14
N SER C 28 -3.34 -12.55 -21.17
CA SER C 28 -4.36 -12.89 -20.17
C SER C 28 -3.76 -13.16 -18.81
N VAL C 29 -4.39 -12.62 -17.76
CA VAL C 29 -3.91 -12.79 -16.39
C VAL C 29 -4.89 -13.51 -15.49
N SER C 30 -6.06 -13.90 -16.01
CA SER C 30 -6.94 -14.90 -15.40
C SER C 30 -7.27 -14.57 -13.93
N ASP C 31 -8.04 -13.50 -13.75
CA ASP C 31 -8.61 -13.10 -12.47
C ASP C 31 -7.56 -12.86 -11.36
N ASN C 32 -6.26 -12.93 -11.68
CA ASN C 32 -5.22 -12.54 -10.72
C ASN C 32 -4.89 -11.06 -10.90
N LEU C 33 -5.86 -10.24 -10.50
CA LEU C 33 -5.82 -8.80 -10.71
C LEU C 33 -6.33 -8.13 -9.45
N ALA C 34 -5.66 -7.06 -9.04
CA ALA C 34 -6.02 -6.36 -7.83
C ALA C 34 -6.15 -4.87 -8.11
N TRP C 35 -6.97 -4.21 -7.30
CA TRP C 35 -7.15 -2.76 -7.31
C TRP C 35 -6.70 -2.19 -5.98
N TYR C 36 -5.98 -1.07 -6.02
CA TYR C 36 -5.57 -0.34 -4.82
C TYR C 36 -6.07 1.10 -4.90
N GLN C 37 -6.38 1.65 -3.72
CA GLN C 37 -6.75 3.06 -3.61
C GLN C 37 -5.64 3.81 -2.89
N GLN C 38 -5.18 4.91 -3.49
CA GLN C 38 -4.13 5.74 -2.90
C GLN C 38 -4.66 7.15 -2.75
N LYS C 39 -5.12 7.47 -1.54
CA LYS C 39 -5.59 8.79 -1.22
C LYS C 39 -4.40 9.74 -1.06
N PRO C 40 -4.62 11.06 -1.16
CA PRO C 40 -3.49 11.99 -1.25
C PRO C 40 -2.55 11.92 -0.06
N GLY C 41 -1.26 11.77 -0.34
CA GLY C 41 -0.26 11.69 0.70
C GLY C 41 -0.28 10.43 1.53
N GLN C 42 -0.91 9.36 1.05
CA GLN C 42 -1.02 8.13 1.81
C GLN C 42 -0.45 6.97 1.00
N ALA C 43 -0.17 5.87 1.71
CA ALA C 43 0.22 4.62 1.06
C ALA C 43 -0.97 4.00 0.33
N PRO C 44 -0.71 3.20 -0.70
CA PRO C 44 -1.80 2.46 -1.34
C PRO C 44 -2.51 1.54 -0.35
N ARG C 45 -3.81 1.37 -0.56
CA ARG C 45 -4.64 0.48 0.25
C ARG C 45 -5.32 -0.51 -0.69
N LEU C 46 -5.39 -1.77 -0.27
CA LEU C 46 -6.03 -2.81 -1.08
C LEU C 46 -7.54 -2.67 -1.02
N LEU C 47 -8.18 -2.64 -2.19
CA LEU C 47 -9.63 -2.65 -2.30
C LEU C 47 -10.17 -4.01 -2.76
N ILE C 48 -9.56 -4.59 -3.78
CA ILE C 48 -10.12 -5.76 -4.44
C ILE C 48 -8.97 -6.67 -4.88
N TYR C 49 -9.10 -7.96 -4.58
CA TYR C 49 -8.18 -9.00 -5.00
C TYR C 49 -8.95 -10.07 -5.77
N GLY C 50 -8.22 -10.83 -6.59
CA GLY C 50 -8.88 -11.80 -7.44
C GLY C 50 -9.99 -11.22 -8.29
N ALA C 51 -9.79 -10.03 -8.85
CA ALA C 51 -10.66 -9.38 -9.82
C ALA C 51 -11.99 -8.89 -9.23
N SER C 52 -12.60 -9.69 -8.36
CA SER C 52 -13.90 -9.33 -7.81
C SER C 52 -14.00 -9.55 -6.32
N SER C 53 -13.06 -10.27 -5.71
CA SER C 53 -13.12 -10.47 -4.28
C SER C 53 -12.63 -9.20 -3.59
N ARG C 54 -13.34 -8.81 -2.54
CA ARG C 54 -13.21 -7.48 -1.96
C ARG C 54 -12.48 -7.57 -0.63
N ALA C 55 -11.43 -6.75 -0.47
CA ALA C 55 -10.66 -6.75 0.76
C ALA C 55 -11.57 -6.42 1.95
N PRO C 56 -11.20 -6.86 3.15
CA PRO C 56 -12.02 -6.55 4.32
C PRO C 56 -12.02 -5.04 4.57
N ALA C 57 -13.08 -4.59 5.24
CA ALA C 57 -13.31 -3.20 5.60
C ALA C 57 -13.53 -2.28 4.40
N ILE C 58 -13.60 -2.81 3.18
CA ILE C 58 -13.79 -1.97 2.01
C ILE C 58 -15.30 -1.82 1.76
N PRO C 59 -15.80 -0.59 1.64
CA PRO C 59 -17.24 -0.38 1.48
C PRO C 59 -17.78 -1.03 0.22
N GLY C 60 -19.06 -1.35 0.26
CA GLY C 60 -19.72 -2.12 -0.79
C GLY C 60 -19.87 -1.39 -2.10
N ARG C 61 -19.53 -0.11 -2.16
CA ARG C 61 -19.59 0.63 -3.41
C ARG C 61 -18.44 0.30 -4.35
N PHE C 62 -17.45 -0.45 -3.90
CA PHE C 62 -16.31 -0.86 -4.72
C PHE C 62 -16.58 -2.26 -5.24
N SER C 63 -16.55 -2.41 -6.56
CA SER C 63 -16.79 -3.69 -7.22
C SER C 63 -15.83 -3.82 -8.37
N GLY C 64 -15.12 -4.94 -8.44
CA GLY C 64 -14.27 -5.26 -9.56
C GLY C 64 -14.95 -6.37 -10.35
N SER C 65 -14.74 -6.37 -11.67
CA SER C 65 -15.30 -7.39 -12.52
C SER C 65 -14.35 -7.68 -13.67
N GLY C 66 -14.49 -8.85 -14.26
CA GLY C 66 -13.72 -9.24 -15.42
C GLY C 66 -12.84 -10.44 -15.17
N SER C 67 -12.27 -10.93 -16.26
CA SER C 67 -11.25 -11.97 -16.22
C SER C 67 -10.50 -11.95 -17.54
N GLY C 68 -9.34 -12.60 -17.55
CA GLY C 68 -8.52 -12.61 -18.74
C GLY C 68 -7.80 -11.30 -18.94
N THR C 69 -8.36 -10.40 -19.74
CA THR C 69 -7.65 -9.18 -20.15
C THR C 69 -8.38 -7.88 -19.83
N ASP C 70 -9.71 -7.86 -19.78
CA ASP C 70 -10.47 -6.62 -19.60
C ASP C 70 -11.10 -6.60 -18.20
N PHE C 71 -10.67 -5.66 -17.37
CA PHE C 71 -11.14 -5.54 -16.00
C PHE C 71 -11.69 -4.14 -15.75
N THR C 72 -12.63 -4.04 -14.83
CA THR C 72 -13.25 -2.77 -14.51
C THR C 72 -13.37 -2.63 -13.00
N LEU C 73 -13.16 -1.42 -12.51
CA LEU C 73 -13.48 -1.08 -11.14
C LEU C 73 -14.60 -0.06 -11.14
N THR C 74 -15.67 -0.38 -10.41
CA THR C 74 -16.85 0.45 -10.35
C THR C 74 -17.00 1.01 -8.94
N ILE C 75 -17.15 2.32 -8.84
CA ILE C 75 -17.39 3.03 -7.60
C ILE C 75 -18.78 3.64 -7.71
N SER C 76 -19.74 3.09 -6.98
CA SER C 76 -21.15 3.27 -7.34
C SER C 76 -21.70 4.62 -6.89
N ARG C 77 -21.76 4.86 -5.57
CA ARG C 77 -22.13 6.15 -5.03
C ARG C 77 -20.84 6.81 -4.55
N LEU C 78 -20.35 7.78 -5.31
CA LEU C 78 -19.05 8.35 -4.97
C LEU C 78 -19.18 9.29 -3.79
N GLU C 79 -18.30 9.07 -2.76
CA GLU C 79 -18.17 10.06 -1.71
C GLU C 79 -16.94 10.93 -1.97
N PRO C 80 -16.92 12.15 -1.46
CA PRO C 80 -15.73 13.00 -1.64
C PRO C 80 -14.47 12.40 -1.05
N GLU C 81 -14.59 11.51 -0.05
CA GLU C 81 -13.43 10.80 0.49
C GLU C 81 -12.76 9.92 -0.55
N ASP C 82 -13.48 9.54 -1.61
CA ASP C 82 -12.90 8.64 -2.60
C ASP C 82 -11.91 9.32 -3.54
N LEU C 83 -11.63 10.62 -3.35
CA LEU C 83 -10.61 11.31 -4.12
C LEU C 83 -9.28 10.58 -3.97
N ALA C 84 -8.77 9.99 -5.04
CA ALA C 84 -7.58 9.15 -4.95
C ALA C 84 -7.13 8.76 -6.35
N VAL C 85 -5.93 8.18 -6.40
CA VAL C 85 -5.42 7.50 -7.57
C VAL C 85 -5.69 6.00 -7.40
N TYR C 86 -6.32 5.38 -8.40
CA TYR C 86 -6.63 3.96 -8.37
C TYR C 86 -5.67 3.22 -9.27
N HIS C 87 -5.01 2.19 -8.71
CA HIS C 87 -3.99 1.40 -9.41
C HIS C 87 -4.48 -0.03 -9.56
N CYS C 88 -4.31 -0.61 -10.75
CA CYS C 88 -4.51 -2.04 -10.91
C CYS C 88 -3.16 -2.74 -11.00
N GLN C 89 -3.15 -4.00 -10.56
CA GLN C 89 -1.95 -4.82 -10.55
C GLN C 89 -2.30 -6.25 -10.93
N GLN C 90 -1.49 -6.84 -11.81
CA GLN C 90 -1.61 -8.25 -12.16
C GLN C 90 -0.53 -9.04 -11.44
N TYR C 91 -0.90 -10.22 -10.98
CA TYR C 91 0.02 -11.19 -10.39
C TYR C 91 -0.22 -12.55 -10.99
N GLY C 92 -0.44 -12.59 -12.30
CA GLY C 92 -0.63 -13.84 -12.99
C GLY C 92 0.68 -14.34 -13.56
N ALA C 93 1.64 -13.44 -13.73
CA ALA C 93 2.91 -13.79 -14.35
C ALA C 93 3.99 -12.85 -13.86
N SER C 94 5.05 -13.39 -13.29
CA SER C 94 6.15 -12.56 -12.85
C SER C 94 6.86 -11.98 -14.09
N PRO C 95 7.34 -10.72 -14.01
CA PRO C 95 7.25 -9.87 -12.81
C PRO C 95 5.88 -9.23 -12.65
N TRP C 96 5.44 -9.03 -11.40
CA TRP C 96 4.18 -8.32 -11.18
C TRP C 96 4.28 -6.92 -11.75
N THR C 97 3.21 -6.47 -12.37
CA THR C 97 3.20 -5.18 -13.02
C THR C 97 1.94 -4.43 -12.62
N PHE C 98 2.02 -3.11 -12.72
CA PHE C 98 0.97 -2.18 -12.33
C PHE C 98 0.55 -1.33 -13.54
N GLY C 99 -0.70 -0.91 -13.54
CA GLY C 99 -1.11 0.15 -14.43
C GLY C 99 -0.46 1.45 -14.02
N GLN C 100 -0.70 2.48 -14.82
CA GLN C 100 -0.15 3.80 -14.54
C GLN C 100 -1.04 4.62 -13.62
N GLY C 101 -2.20 4.10 -13.23
CA GLY C 101 -3.06 4.77 -12.28
C GLY C 101 -4.09 5.67 -12.93
N THR C 102 -5.28 5.73 -12.33
CA THR C 102 -6.35 6.61 -12.76
C THR C 102 -6.69 7.54 -11.60
N LYS C 103 -6.57 8.85 -11.83
CA LYS C 103 -6.92 9.82 -10.81
C LYS C 103 -8.42 10.09 -10.87
N VAL C 104 -9.10 9.91 -9.74
CA VAL C 104 -10.51 10.28 -9.61
C VAL C 104 -10.59 11.54 -8.76
N GLU C 105 -11.03 12.63 -9.38
CA GLU C 105 -11.29 13.87 -8.67
C GLU C 105 -12.79 14.11 -8.58
N ILE C 106 -13.19 15.02 -7.70
CA ILE C 106 -14.60 15.28 -7.44
C ILE C 106 -15.07 16.39 -8.36
N LYS C 107 -16.09 16.09 -9.17
CA LYS C 107 -16.69 17.09 -10.03
C LYS C 107 -17.42 18.11 -9.17
N ARG C 108 -17.36 19.37 -9.58
CA ARG C 108 -18.11 20.42 -8.92
C ARG C 108 -18.37 21.53 -9.92
N THR C 109 -19.10 22.54 -9.49
CA THR C 109 -19.38 23.65 -10.37
C THR C 109 -18.09 24.40 -10.67
N VAL C 110 -18.03 25.00 -11.87
CA VAL C 110 -16.84 25.72 -12.29
C VAL C 110 -16.65 26.96 -11.41
N ALA C 111 -15.40 27.31 -11.17
CA ALA C 111 -15.08 28.50 -10.38
C ALA C 111 -13.83 29.15 -10.94
N ALA C 112 -13.94 30.44 -11.28
CA ALA C 112 -12.78 31.15 -11.75
C ALA C 112 -11.80 31.40 -10.59
N PRO C 113 -10.51 31.48 -10.86
CA PRO C 113 -9.56 31.76 -9.78
C PRO C 113 -9.56 33.23 -9.37
N SER C 114 -9.29 33.45 -8.08
CA SER C 114 -8.85 34.76 -7.61
C SER C 114 -7.36 34.85 -7.84
N VAL C 115 -6.92 35.91 -8.52
CA VAL C 115 -5.54 36.02 -9.00
C VAL C 115 -4.84 37.10 -8.20
N PHE C 116 -3.73 36.75 -7.57
CA PHE C 116 -2.97 37.69 -6.77
C PHE C 116 -1.52 37.69 -7.24
N ILE C 117 -0.86 38.85 -7.17
CA ILE C 117 0.53 38.95 -7.59
C ILE C 117 1.34 39.54 -6.44
N PHE C 118 2.58 39.07 -6.28
CA PHE C 118 3.44 39.48 -5.19
C PHE C 118 4.78 39.93 -5.77
N PRO C 119 5.15 41.19 -5.62
CA PRO C 119 6.53 41.62 -5.97
C PRO C 119 7.56 40.92 -5.10
N PRO C 120 8.81 40.87 -5.54
CA PRO C 120 9.87 40.36 -4.68
C PRO C 120 10.05 41.25 -3.46
N SER C 121 10.47 40.64 -2.37
CA SER C 121 10.74 41.38 -1.15
C SER C 121 12.07 42.10 -1.27
N ASP C 122 12.21 43.20 -0.50
CA ASP C 122 13.48 43.92 -0.48
C ASP C 122 14.57 43.05 0.14
N GLU C 123 14.21 42.25 1.14
CA GLU C 123 15.15 41.27 1.71
C GLU C 123 15.74 40.39 0.62
N GLN C 124 14.89 39.84 -0.27
CA GLN C 124 15.42 38.96 -1.32
C GLN C 124 16.23 39.75 -2.35
N LEU C 125 15.78 40.95 -2.71
CA LEU C 125 16.48 41.73 -3.73
C LEU C 125 17.93 41.98 -3.36
N LYS C 126 18.20 42.21 -2.06
CA LYS C 126 19.57 42.46 -1.66
C LYS C 126 20.42 41.19 -1.73
N SER C 127 19.80 40.01 -1.72
CA SER C 127 20.54 38.77 -1.92
C SER C 127 20.97 38.56 -3.37
N GLY C 128 20.43 39.33 -4.32
CA GLY C 128 20.83 39.22 -5.71
C GLY C 128 19.76 38.68 -6.66
N THR C 129 18.64 38.17 -6.15
CA THR C 129 17.61 37.54 -6.97
C THR C 129 16.26 38.18 -6.70
N ALA C 130 15.38 38.11 -7.70
CA ALA C 130 13.99 38.54 -7.58
C ALA C 130 13.09 37.38 -7.96
N SER C 131 12.21 36.98 -7.03
CA SER C 131 11.15 36.03 -7.32
C SER C 131 9.82 36.77 -7.29
N VAL C 132 9.05 36.63 -8.35
CA VAL C 132 7.73 37.22 -8.48
C VAL C 132 6.72 36.09 -8.46
N VAL C 133 5.74 36.17 -7.56
CA VAL C 133 4.81 35.07 -7.35
C VAL C 133 3.43 35.52 -7.83
N CYS C 134 2.84 34.71 -8.70
CA CYS C 134 1.45 34.85 -9.12
C CYS C 134 0.66 33.70 -8.50
N LEU C 135 -0.44 34.04 -7.83
CA LEU C 135 -1.25 33.08 -7.09
C LEU C 135 -2.64 32.98 -7.72
N LEU C 136 -3.05 31.78 -8.09
CA LEU C 136 -4.39 31.49 -8.58
C LEU C 136 -5.09 30.70 -7.48
N ASN C 137 -6.11 31.29 -6.86
CA ASN C 137 -6.71 30.71 -5.68
C ASN C 137 -8.09 30.14 -5.96
N ASN C 138 -8.29 28.88 -5.53
CA ASN C 138 -9.63 28.30 -5.38
C ASN C 138 -10.43 28.37 -6.68
N PHE C 139 -9.92 27.63 -7.68
CA PHE C 139 -10.56 27.52 -8.97
C PHE C 139 -10.88 26.07 -9.28
N TYR C 140 -11.80 25.87 -10.22
CA TYR C 140 -12.13 24.54 -10.74
C TYR C 140 -12.59 24.76 -12.17
N PRO C 141 -12.21 23.88 -13.12
CA PRO C 141 -11.36 22.70 -12.98
C PRO C 141 -9.87 23.03 -12.95
N ARG C 142 -9.04 22.00 -12.81
CA ARG C 142 -7.63 22.19 -12.49
C ARG C 142 -6.84 22.82 -13.64
N GLU C 143 -7.33 22.74 -14.87
CA GLU C 143 -6.58 23.25 -16.01
C GLU C 143 -6.55 24.77 -15.96
N ALA C 144 -5.37 25.32 -16.09
CA ALA C 144 -5.19 26.77 -16.06
C ALA C 144 -3.87 27.10 -16.72
N LYS C 145 -3.81 28.26 -17.36
CA LYS C 145 -2.60 28.70 -18.04
C LYS C 145 -2.15 30.03 -17.46
N VAL C 146 -0.93 30.07 -16.97
CA VAL C 146 -0.30 31.31 -16.49
C VAL C 146 0.76 31.74 -17.48
N GLN C 147 0.74 33.00 -17.88
CA GLN C 147 1.81 33.54 -18.71
C GLN C 147 2.35 34.84 -18.12
N TRP C 148 3.68 34.92 -18.07
CA TRP C 148 4.36 36.08 -17.48
C TRP C 148 4.82 37.04 -18.56
N LYS C 149 4.63 38.34 -18.32
CA LYS C 149 5.11 39.39 -19.21
C LYS C 149 5.88 40.43 -18.41
N VAL C 150 7.07 40.76 -18.88
CA VAL C 150 7.90 41.79 -18.27
C VAL C 150 8.11 42.87 -19.33
N ASP C 151 7.52 44.05 -19.11
CA ASP C 151 7.45 45.10 -20.14
C ASP C 151 6.96 44.51 -21.45
N ASN C 152 5.92 43.68 -21.34
CA ASN C 152 5.23 43.03 -22.44
C ASN C 152 6.10 42.04 -23.22
N ALA C 153 7.27 41.68 -22.69
CA ALA C 153 8.05 40.57 -23.23
C ALA C 153 7.58 39.28 -22.58
N LEU C 154 7.12 38.34 -23.39
CA LEU C 154 6.68 37.04 -22.90
C LEU C 154 7.85 36.28 -22.28
N GLN C 155 7.68 35.88 -21.03
CA GLN C 155 8.70 35.12 -20.31
C GLN C 155 8.45 33.62 -20.53
N SER C 156 9.47 32.90 -20.99
CA SER C 156 9.28 31.47 -21.09
C SER C 156 10.56 30.75 -20.67
N GLY C 157 10.39 29.79 -19.76
CA GLY C 157 11.50 28.99 -19.28
C GLY C 157 12.13 29.51 -18.01
N ASN C 158 11.61 30.58 -17.43
CA ASN C 158 12.15 31.08 -16.17
C ASN C 158 11.07 31.17 -15.11
N SER C 159 10.04 30.34 -15.21
CA SER C 159 9.04 30.27 -14.17
C SER C 159 8.77 28.81 -13.87
N GLN C 160 8.27 28.55 -12.67
CA GLN C 160 7.82 27.23 -12.28
C GLN C 160 6.53 27.38 -11.51
N GLU C 161 5.67 26.38 -11.62
CA GLU C 161 4.40 26.40 -10.94
C GLU C 161 4.16 25.10 -10.21
N SER C 162 3.23 25.20 -9.26
CA SER C 162 2.84 24.13 -8.35
C SER C 162 1.34 24.26 -8.16
N VAL C 163 0.64 23.12 -8.17
CA VAL C 163 -0.81 23.06 -7.98
C VAL C 163 -1.07 22.22 -6.74
N THR C 164 -1.97 22.68 -5.88
CA THR C 164 -2.32 21.88 -4.71
C THR C 164 -3.18 20.69 -5.11
N GLU C 165 -3.24 19.69 -4.22
CA GLU C 165 -4.25 18.66 -4.35
C GLU C 165 -5.62 19.31 -4.24
N GLN C 166 -6.62 18.65 -4.82
CA GLN C 166 -7.98 19.14 -4.73
C GLN C 166 -8.41 19.25 -3.27
N ASP C 167 -9.06 20.35 -2.92
CA ASP C 167 -9.45 20.61 -1.54
C ASP C 167 -10.58 19.70 -1.10
N SER C 168 -10.50 19.20 0.13
CA SER C 168 -11.38 18.11 0.56
C SER C 168 -12.80 18.59 0.82
N LYS C 169 -12.97 19.83 1.25
CA LYS C 169 -14.32 20.39 1.43
C LYS C 169 -14.77 21.22 0.25
N ASP C 170 -13.87 22.02 -0.31
CA ASP C 170 -14.15 22.93 -1.41
C ASP C 170 -14.20 22.23 -2.76
N SER C 171 -13.44 21.13 -2.93
CA SER C 171 -13.21 20.47 -4.22
C SER C 171 -12.50 21.40 -5.20
N THR C 172 -11.74 22.35 -4.69
CA THR C 172 -11.14 23.38 -5.50
C THR C 172 -9.61 23.18 -5.57
N TYR C 173 -8.99 23.83 -6.56
CA TYR C 173 -7.55 23.80 -6.71
C TYR C 173 -6.99 25.20 -6.51
N SER C 174 -5.71 25.26 -6.17
CA SER C 174 -4.93 26.50 -6.17
C SER C 174 -3.61 26.28 -6.88
N LEU C 175 -3.06 27.36 -7.42
CA LEU C 175 -1.85 27.31 -8.23
C LEU C 175 -0.95 28.49 -7.88
N SER C 176 0.33 28.19 -7.72
CA SER C 176 1.37 29.17 -7.48
C SER C 176 2.31 29.11 -8.67
N SER C 177 2.62 30.25 -9.28
CA SER C 177 3.64 30.35 -10.32
C SER C 177 4.67 31.36 -9.90
N THR C 178 5.94 30.98 -9.95
CA THR C 178 7.05 31.84 -9.53
C THR C 178 7.91 32.18 -10.74
N LEU C 179 7.99 33.47 -11.07
CA LEU C 179 8.95 33.98 -12.05
C LEU C 179 10.22 34.39 -11.34
N THR C 180 11.37 33.94 -11.83
CA THR C 180 12.65 34.22 -11.20
C THR C 180 13.55 34.98 -12.16
N LEU C 181 14.05 36.13 -11.70
CA LEU C 181 14.98 36.97 -12.45
C LEU C 181 16.12 37.38 -11.53
N SER C 182 17.24 37.77 -12.13
CA SER C 182 18.29 38.40 -11.35
C SER C 182 17.82 39.77 -10.87
N LYS C 183 18.48 40.27 -9.82
CA LYS C 183 18.18 41.61 -9.31
C LYS C 183 18.41 42.67 -10.39
N ALA C 184 19.55 42.58 -11.08
CA ALA C 184 19.86 43.57 -12.10
C ALA C 184 18.77 43.61 -13.17
N ASP C 185 18.37 42.43 -13.68
CA ASP C 185 17.32 42.38 -14.70
C ASP C 185 16.02 42.93 -14.16
N TYR C 186 15.65 42.51 -12.96
CA TYR C 186 14.44 43.01 -12.32
C TYR C 186 14.40 44.55 -12.34
N GLU C 187 15.54 45.18 -12.06
CA GLU C 187 15.54 46.64 -11.93
C GLU C 187 15.66 47.37 -13.27
N LYS C 188 15.96 46.68 -14.35
CA LYS C 188 15.94 47.24 -15.69
C LYS C 188 14.53 47.39 -16.26
N HIS C 189 13.50 46.94 -15.55
CA HIS C 189 12.19 46.79 -16.15
C HIS C 189 11.12 47.29 -15.19
N LYS C 190 9.99 47.68 -15.75
CA LYS C 190 8.95 48.36 -15.00
C LYS C 190 7.70 47.52 -14.78
N VAL C 191 7.05 47.00 -15.83
CA VAL C 191 5.75 46.35 -15.69
C VAL C 191 5.94 44.84 -15.57
N TYR C 192 5.48 44.27 -14.45
CA TYR C 192 5.47 42.82 -14.23
C TYR C 192 4.03 42.35 -14.17
N ALA C 193 3.67 41.41 -15.04
CA ALA C 193 2.29 40.98 -15.19
C ALA C 193 2.23 39.47 -15.33
N CYS C 194 1.32 38.83 -14.61
CA CYS C 194 0.95 37.46 -14.94
C CYS C 194 -0.45 37.48 -15.53
N GLU C 195 -0.61 36.75 -16.64
CA GLU C 195 -1.88 36.68 -17.36
C GLU C 195 -2.43 35.26 -17.22
N VAL C 196 -3.64 35.16 -16.73
CA VAL C 196 -4.22 33.88 -16.33
C VAL C 196 -5.36 33.55 -17.28
N THR C 197 -5.34 32.34 -17.83
CA THR C 197 -6.40 31.83 -18.68
C THR C 197 -7.08 30.66 -17.97
N HIS C 198 -8.40 30.70 -17.91
CA HIS C 198 -9.12 29.64 -17.23
C HIS C 198 -10.54 29.58 -17.77
N GLN C 199 -11.11 28.37 -17.76
CA GLN C 199 -12.42 28.14 -18.34
C GLN C 199 -13.50 28.99 -17.68
N GLY C 200 -13.35 29.29 -16.39
CA GLY C 200 -14.25 30.18 -15.67
C GLY C 200 -14.11 31.66 -15.95
N LEU C 201 -13.18 32.08 -16.81
CA LEU C 201 -12.98 33.49 -17.12
C LEU C 201 -13.38 33.79 -18.56
N SER C 202 -14.15 34.85 -18.75
CA SER C 202 -14.60 35.23 -20.09
C SER C 202 -13.43 35.48 -21.03
N SER C 203 -12.36 36.05 -20.51
CA SER C 203 -11.15 36.34 -21.27
C SER C 203 -10.00 36.40 -20.28
N PRO C 204 -8.75 36.35 -20.74
CA PRO C 204 -7.63 36.26 -19.79
C PRO C 204 -7.64 37.43 -18.82
N VAL C 205 -7.26 37.15 -17.59
CA VAL C 205 -7.11 38.15 -16.55
C VAL C 205 -5.61 38.44 -16.39
N THR C 206 -5.25 39.70 -16.26
CA THR C 206 -3.88 40.10 -16.03
C THR C 206 -3.79 40.85 -14.72
N LYS C 207 -2.95 40.37 -13.81
CA LYS C 207 -2.62 41.11 -12.61
C LYS C 207 -1.19 41.61 -12.74
N SER C 208 -0.98 42.89 -12.50
CA SER C 208 0.32 43.46 -12.81
C SER C 208 0.64 44.54 -11.79
N PHE C 209 1.93 44.82 -11.65
CA PHE C 209 2.39 45.97 -10.89
C PHE C 209 3.55 46.62 -11.64
N ASN C 210 3.81 47.87 -11.29
CA ASN C 210 4.95 48.60 -11.79
C ASN C 210 5.99 48.65 -10.69
N ARG C 211 7.18 48.12 -10.96
CA ARG C 211 8.25 48.07 -9.97
C ARG C 211 8.47 49.43 -9.32
N GLY C 212 8.51 49.44 -7.99
CA GLY C 212 8.79 50.65 -7.24
C GLY C 212 7.69 51.69 -7.26
N GLU C 213 6.43 51.26 -7.21
CA GLU C 213 5.28 52.17 -7.22
C GLU C 213 4.19 51.63 -6.32
#